data_7DWG
#
_entry.id   7DWG
#
_cell.length_a   55.148
_cell.length_b   55.148
_cell.length_c   184.164
_cell.angle_alpha   90.000
_cell.angle_beta   90.000
_cell.angle_gamma   90.000
#
_symmetry.space_group_name_H-M   'P 41 21 2'
#
loop_
_entity.id
_entity.type
_entity.pdbx_description
1 polymer 'Glutathione S-transferase'
2 non-polymer GLUTATHIONE
3 water water
#
_entity_poly.entity_id   1
_entity_poly.type   'polypeptide(L)'
_entity_poly.pdbx_seq_one_letter_code
;HHHHHHMAEVKLYGFWPSPFSHRIIWALKLKGVEYEYIEEDLSNKSESLLKYNPVYKKIPVLVHGDKPIAESLVILEYIE
ETWPENPLLPKDPYERAMARFWIQYGVDTVAALRAFYLGSGEELEKAAKELSECLKILEEQGLGDKKFFGGESMNLVDIS
YGALGYWLAAVEEAKGVTVLKPSTLPRLHAWAKNLDELPVVKENIPASDKMLAYVTAAMNRPAKN
;
_entity_poly.pdbx_strand_id   A
#
loop_
_chem_comp.id
_chem_comp.type
_chem_comp.name
_chem_comp.formula
GSH non-polymer GLUTATHIONE 'C10 H17 N3 O6 S'
#
# COMPACT_ATOMS: atom_id res chain seq x y z
N ALA A 8 4.76 21.14 -5.52
CA ALA A 8 5.65 22.26 -5.32
C ALA A 8 6.58 21.95 -4.17
N GLU A 9 7.88 21.91 -4.48
CA GLU A 9 8.89 21.59 -3.49
C GLU A 9 9.08 20.09 -3.61
N VAL A 10 7.96 19.38 -3.66
CA VAL A 10 7.93 17.96 -3.84
C VAL A 10 7.24 17.51 -5.11
N LYS A 11 7.82 16.53 -5.78
CA LYS A 11 7.28 15.93 -6.97
C LYS A 11 7.16 14.43 -6.71
N LEU A 12 6.11 13.83 -7.24
CA LEU A 12 5.87 12.43 -7.11
C LEU A 12 5.59 11.85 -8.47
N TYR A 13 6.42 10.90 -8.88
CA TYR A 13 6.25 10.21 -10.11
C TYR A 13 5.48 8.97 -9.72
N GLY A 14 4.34 8.77 -10.33
CA GLY A 14 3.49 7.64 -10.06
C GLY A 14 2.83 6.99 -11.24
N PHE A 15 1.99 6.02 -10.96
CA PHE A 15 1.22 5.30 -11.94
C PHE A 15 -0.14 5.15 -11.27
N TRP A 16 -1.18 5.67 -11.91
CA TRP A 16 -2.52 5.73 -11.32
C TRP A 16 -3.11 4.56 -10.57
N PRO A 17 -2.91 3.32 -11.13
CA PRO A 17 -3.53 2.22 -10.41
C PRO A 17 -2.70 1.49 -9.36
N SER A 18 -1.48 1.93 -9.16
CA SER A 18 -0.56 1.30 -8.25
C SER A 18 -0.65 1.66 -6.79
N PRO A 19 -0.87 0.57 -5.97
CA PRO A 19 -0.89 0.88 -4.54
C PRO A 19 0.43 1.47 -4.04
N PHE A 20 1.52 1.15 -4.70
CA PHE A 20 2.81 1.66 -4.29
C PHE A 20 2.84 3.17 -4.39
N SER A 21 2.20 3.71 -5.42
CA SER A 21 2.06 5.16 -5.57
C SER A 21 1.05 5.73 -4.58
N HIS A 22 -0.09 5.05 -4.41
CA HIS A 22 -1.12 5.53 -3.49
C HIS A 22 -0.58 5.68 -2.08
N ARG A 23 0.27 4.73 -1.64
CA ARG A 23 0.90 4.83 -0.33
C ARG A 23 1.51 6.20 -0.11
N ILE A 24 2.25 6.69 -1.10
CA ILE A 24 2.98 7.93 -0.91
C ILE A 24 2.00 9.10 -0.87
N ILE A 25 0.99 9.08 -1.73
CA ILE A 25 -0.05 10.12 -1.68
C ILE A 25 -0.64 10.22 -0.28
N TRP A 26 -1.08 9.09 0.29
CA TRP A 26 -1.67 9.13 1.63
C TRP A 26 -0.71 9.74 2.64
N ALA A 27 0.55 9.34 2.61
CA ALA A 27 1.51 9.88 3.57
C ALA A 27 1.65 11.38 3.39
N LEU A 28 1.74 11.84 2.15
CA LEU A 28 1.91 13.27 1.93
C LEU A 28 0.69 14.04 2.40
N LYS A 29 -0.50 13.48 2.19
CA LYS A 29 -1.71 14.16 2.66
C LYS A 29 -1.78 14.18 4.19
N LEU A 30 -1.37 13.09 4.84
CA LEU A 30 -1.35 13.09 6.28
C LEU A 30 -0.35 14.10 6.84
N LYS A 31 0.66 14.46 6.06
CA LYS A 31 1.64 15.45 6.49
C LYS A 31 1.29 16.86 5.99
N GLY A 32 0.29 16.98 5.14
CA GLY A 32 -0.08 18.29 4.61
C GLY A 32 0.93 18.85 3.64
N VAL A 33 1.72 17.98 3.00
CA VAL A 33 2.75 18.41 2.07
C VAL A 33 2.19 18.45 0.67
N GLU A 34 2.31 19.60 0.00
CA GLU A 34 1.81 19.72 -1.36
C GLU A 34 2.83 19.16 -2.35
N TYR A 35 2.33 18.52 -3.41
CA TYR A 35 3.21 17.85 -4.35
C TYR A 35 2.69 18.02 -5.78
N GLU A 36 3.62 18.03 -6.72
CA GLU A 36 3.31 17.90 -8.13
C GLU A 36 3.28 16.42 -8.47
N TYR A 37 2.14 15.93 -8.95
CA TYR A 37 2.02 14.54 -9.39
C TYR A 37 2.34 14.43 -10.88
N ILE A 38 3.23 13.51 -11.23
CA ILE A 38 3.57 13.23 -12.62
C ILE A 38 3.17 11.79 -12.90
N GLU A 39 2.23 11.62 -13.82
CA GLU A 39 1.83 10.29 -14.24
C GLU A 39 2.84 9.75 -15.25
N GLU A 40 3.37 8.57 -14.98
CA GLU A 40 4.33 7.94 -15.88
C GLU A 40 3.64 6.85 -16.68
N ASP A 41 4.00 6.74 -17.96
CA ASP A 41 3.59 5.64 -18.82
C ASP A 41 4.71 4.61 -18.75
N LEU A 42 4.46 3.50 -18.06
CA LEU A 42 5.54 2.56 -17.78
C LEU A 42 6.07 1.88 -19.04
N SER A 43 5.32 1.88 -20.13
CA SER A 43 5.82 1.38 -21.40
C SER A 43 6.56 2.45 -22.20
N ASN A 44 6.58 3.69 -21.71
CA ASN A 44 7.28 4.78 -22.36
C ASN A 44 7.75 5.75 -21.28
N LYS A 45 8.70 5.27 -20.47
CA LYS A 45 9.12 6.00 -19.29
C LYS A 45 9.78 7.33 -19.67
N SER A 46 9.42 8.37 -18.92
CA SER A 46 10.00 9.68 -19.13
C SER A 46 11.52 9.67 -18.95
N GLU A 47 12.15 10.68 -19.54
CA GLU A 47 13.58 10.91 -19.30
C GLU A 47 13.84 11.29 -17.85
N SER A 48 12.89 11.99 -17.23
CA SER A 48 13.01 12.37 -15.82
C SER A 48 13.03 11.14 -14.92
N LEU A 49 12.09 10.22 -15.12
CA LEU A 49 12.04 9.02 -14.29
C LEU A 49 13.31 8.20 -14.44
N LEU A 50 13.76 8.00 -15.70
CA LEU A 50 14.98 7.23 -15.94
C LEU A 50 16.19 7.87 -15.28
N LYS A 51 16.19 9.20 -15.18
CA LYS A 51 17.29 9.93 -14.58
C LYS A 51 17.26 9.87 -13.06
N TYR A 52 16.06 9.93 -12.48
CA TYR A 52 15.90 9.97 -11.03
C TYR A 52 15.98 8.58 -10.40
N ASN A 53 15.58 7.54 -11.11
CA ASN A 53 15.63 6.17 -10.58
C ASN A 53 16.34 5.26 -11.58
N PRO A 54 17.63 5.51 -11.82
CA PRO A 54 18.36 4.66 -12.77
C PRO A 54 18.49 3.21 -12.32
N VAL A 55 18.53 2.96 -11.01
CA VAL A 55 18.78 1.59 -10.53
C VAL A 55 17.61 0.67 -10.88
N TYR A 56 16.39 1.14 -10.64
CA TYR A 56 15.20 0.31 -10.77
C TYR A 56 14.28 0.73 -11.89
N LYS A 57 14.30 2.01 -12.27
CA LYS A 57 13.42 2.54 -13.31
C LYS A 57 11.94 2.25 -13.03
N LYS A 58 11.54 2.37 -11.75
CA LYS A 58 10.20 2.08 -11.27
C LYS A 58 9.61 3.34 -10.64
N ILE A 59 8.27 3.38 -10.55
CA ILE A 59 7.61 4.34 -9.66
C ILE A 59 7.22 3.59 -8.39
N PRO A 60 6.99 4.29 -7.33
CA PRO A 60 7.09 5.72 -7.28
C PRO A 60 8.47 6.26 -7.00
N VAL A 61 8.66 7.52 -7.36
CA VAL A 61 9.86 8.26 -7.02
C VAL A 61 9.43 9.59 -6.46
N LEU A 62 9.92 9.94 -5.28
CA LEU A 62 9.69 11.25 -4.70
C LEU A 62 10.92 12.11 -5.00
N VAL A 63 10.69 13.32 -5.51
CA VAL A 63 11.79 14.25 -5.74
C VAL A 63 11.58 15.46 -4.82
N HIS A 64 12.53 15.69 -3.93
CA HIS A 64 12.46 16.79 -2.97
C HIS A 64 13.66 17.69 -3.20
N GLY A 65 13.39 18.93 -3.60
CA GLY A 65 14.46 19.84 -3.94
C GLY A 65 15.46 19.19 -4.88
N ASP A 66 14.97 18.55 -5.93
CA ASP A 66 15.77 18.06 -7.04
C ASP A 66 16.57 16.81 -6.66
N LYS A 67 16.35 16.24 -5.46
CA LYS A 67 16.97 15.00 -5.00
C LYS A 67 15.96 13.87 -4.98
N PRO A 68 16.24 12.73 -5.63
CA PRO A 68 15.24 11.66 -5.73
C PRO A 68 15.35 10.60 -4.64
N ILE A 69 14.18 10.14 -4.20
CA ILE A 69 14.07 8.98 -3.29
C ILE A 69 13.19 7.95 -3.98
N ALA A 70 13.74 6.77 -4.24
CA ALA A 70 12.98 5.66 -4.82
C ALA A 70 12.71 4.59 -3.77
N GLU A 71 11.74 3.72 -4.10
CA GLU A 71 11.29 2.62 -3.26
C GLU A 71 10.30 3.10 -2.20
N SER A 72 9.04 2.67 -2.34
CA SER A 72 7.95 3.23 -1.51
C SER A 72 8.26 3.16 -0.02
N LEU A 73 8.80 2.04 0.46
CA LEU A 73 9.03 1.97 1.90
C LEU A 73 10.11 2.96 2.34
N VAL A 74 11.11 3.19 1.48
CA VAL A 74 12.17 4.17 1.77
C VAL A 74 11.61 5.58 1.74
N ILE A 75 10.75 5.86 0.75
CA ILE A 75 10.10 7.17 0.66
C ILE A 75 9.26 7.45 1.90
N LEU A 76 8.49 6.45 2.36
CA LEU A 76 7.64 6.67 3.53
C LEU A 76 8.47 7.04 4.76
N GLU A 77 9.59 6.34 4.99
CA GLU A 77 10.46 6.69 6.10
C GLU A 77 11.04 8.09 5.92
N TYR A 78 11.39 8.46 4.68
CA TYR A 78 11.91 9.80 4.41
C TYR A 78 10.87 10.85 4.73
N ILE A 79 9.62 10.61 4.35
CA ILE A 79 8.56 11.57 4.64
C ILE A 79 8.39 11.72 6.16
N GLU A 80 8.39 10.60 6.88
CA GLU A 80 8.25 10.66 8.33
C GLU A 80 9.38 11.45 8.98
N GLU A 81 10.61 11.30 8.47
CA GLU A 81 11.75 11.97 9.10
C GLU A 81 11.86 13.42 8.68
N THR A 82 11.39 13.75 7.48
CA THR A 82 11.53 15.10 6.94
C THR A 82 10.43 16.02 7.44
N TRP A 83 9.20 15.50 7.57
CA TRP A 83 8.06 16.25 8.11
C TRP A 83 7.59 15.53 9.35
N PRO A 84 8.25 15.73 10.49
CA PRO A 84 7.95 14.89 11.66
C PRO A 84 6.62 15.21 12.34
N GLU A 85 6.01 16.37 12.09
CA GLU A 85 4.72 16.64 12.73
C GLU A 85 3.69 15.64 12.24
N ASN A 86 2.73 15.33 13.11
CA ASN A 86 1.80 14.24 12.90
C ASN A 86 2.56 12.93 12.65
N PRO A 87 3.18 12.38 13.68
CA PRO A 87 4.06 11.22 13.49
C PRO A 87 3.31 10.02 12.95
N LEU A 88 3.94 9.33 11.99
CA LEU A 88 3.43 8.08 11.47
C LEU A 88 4.26 6.88 11.92
N LEU A 89 5.24 7.12 12.79
CA LEU A 89 5.93 6.08 13.54
C LEU A 89 5.93 6.48 15.01
N PRO A 90 5.93 5.52 15.92
CA PRO A 90 5.98 5.83 17.35
C PRO A 90 7.39 6.24 17.78
N LYS A 91 7.49 6.77 19.00
CA LYS A 91 8.80 7.19 19.51
C LYS A 91 9.60 6.02 20.08
N ASP A 92 8.93 5.10 20.76
CA ASP A 92 9.66 4.05 21.47
C ASP A 92 10.40 3.16 20.49
N PRO A 93 11.71 2.93 20.66
CA PRO A 93 12.43 2.07 19.70
C PRO A 93 11.81 0.68 19.53
N TYR A 94 11.33 0.05 20.61
CA TYR A 94 10.74 -1.27 20.43
C TYR A 94 9.47 -1.20 19.59
N GLU A 95 8.58 -0.25 19.88
CA GLU A 95 7.39 -0.17 19.04
C GLU A 95 7.73 0.23 17.61
N ARG A 96 8.77 1.05 17.41
CA ARG A 96 9.21 1.34 16.05
C ARG A 96 9.70 0.09 15.35
N ALA A 97 10.44 -0.78 16.08
CA ALA A 97 10.90 -2.04 15.51
C ALA A 97 9.72 -2.94 15.17
N MET A 98 8.67 -2.95 16.00
CA MET A 98 7.51 -3.77 15.64
C MET A 98 6.82 -3.24 14.39
N ALA A 99 6.74 -1.91 14.25
CA ALA A 99 6.23 -1.34 13.01
C ALA A 99 7.06 -1.78 11.81
N ARG A 100 8.38 -1.67 11.91
CA ARG A 100 9.24 -2.10 10.80
C ARG A 100 9.13 -3.59 10.55
N PHE A 101 8.98 -4.38 11.61
CA PHE A 101 8.82 -5.82 11.41
C PHE A 101 7.60 -6.13 10.58
N TRP A 102 6.45 -5.53 10.92
CA TRP A 102 5.23 -5.83 10.17
C TRP A 102 5.27 -5.22 8.78
N ILE A 103 6.00 -4.11 8.60
CA ILE A 103 6.22 -3.64 7.23
C ILE A 103 7.06 -4.65 6.45
N GLN A 104 8.05 -5.30 7.09
CA GLN A 104 8.83 -6.30 6.37
C GLN A 104 8.00 -7.53 6.08
N TYR A 105 7.08 -7.90 6.99
CA TYR A 105 6.13 -8.96 6.69
C TYR A 105 5.28 -8.62 5.46
N GLY A 106 5.17 -7.34 5.12
CA GLY A 106 4.48 -6.97 3.88
C GLY A 106 5.11 -7.60 2.65
N VAL A 107 6.41 -7.91 2.70
CA VAL A 107 7.04 -8.61 1.60
C VAL A 107 6.43 -9.98 1.39
N ASP A 108 6.30 -10.75 2.47
CA ASP A 108 5.60 -12.03 2.39
C ASP A 108 4.16 -11.82 1.91
N THR A 109 3.51 -10.76 2.39
CA THR A 109 2.12 -10.52 2.00
C THR A 109 1.99 -10.21 0.52
N VAL A 110 2.88 -9.38 -0.02
CA VAL A 110 2.87 -9.07 -1.44
C VAL A 110 3.06 -10.33 -2.27
N ALA A 111 3.97 -11.21 -1.84
CA ALA A 111 4.19 -12.45 -2.56
C ALA A 111 2.93 -13.31 -2.58
N ALA A 112 2.24 -13.41 -1.44
CA ALA A 112 1.00 -14.15 -1.40
C ALA A 112 -0.06 -13.48 -2.26
N LEU A 113 -0.10 -12.15 -2.26
CA LEU A 113 -1.07 -11.44 -3.09
C LEU A 113 -0.79 -11.70 -4.56
N ARG A 114 0.49 -11.84 -4.90
CA ARG A 114 0.88 -12.02 -6.28
C ARG A 114 0.51 -13.40 -6.79
N ALA A 115 0.72 -14.42 -5.96
CA ALA A 115 0.34 -15.78 -6.34
C ALA A 115 -1.16 -15.90 -6.52
N PHE A 116 -1.93 -15.22 -5.66
CA PHE A 116 -3.38 -15.19 -5.80
C PHE A 116 -3.78 -14.48 -7.09
N TYR A 117 -3.24 -13.27 -7.30
CA TYR A 117 -3.43 -12.53 -8.54
C TYR A 117 -3.24 -13.40 -9.79
N LEU A 118 -2.16 -14.19 -9.82
CA LEU A 118 -1.78 -14.96 -11.00
C LEU A 118 -2.40 -16.35 -11.05
N GLY A 119 -3.06 -16.79 -9.99
CA GLY A 119 -3.50 -18.16 -9.91
C GLY A 119 -4.74 -18.43 -10.74
N SER A 120 -4.86 -19.68 -11.17
CA SER A 120 -6.06 -20.18 -11.85
C SER A 120 -6.25 -21.64 -11.48
N GLY A 121 -7.46 -22.14 -11.71
CA GLY A 121 -7.74 -23.54 -11.44
C GLY A 121 -7.42 -23.92 -10.01
N GLU A 122 -6.83 -25.10 -9.83
CA GLU A 122 -6.49 -25.57 -8.50
C GLU A 122 -5.28 -24.83 -7.92
N GLU A 123 -4.54 -24.13 -8.77
CA GLU A 123 -3.50 -23.19 -8.34
C GLU A 123 -4.10 -22.01 -7.58
N LEU A 124 -5.12 -21.39 -8.16
CA LEU A 124 -5.79 -20.25 -7.53
C LEU A 124 -6.31 -20.62 -6.14
N GLU A 125 -6.86 -21.82 -6.01
CA GLU A 125 -7.37 -22.27 -4.72
C GLU A 125 -6.25 -22.48 -3.72
N LYS A 126 -5.13 -23.01 -4.18
CA LYS A 126 -3.96 -23.04 -3.32
C LYS A 126 -3.55 -21.66 -2.81
N ALA A 127 -3.34 -20.71 -3.73
CA ALA A 127 -2.90 -19.38 -3.38
C ALA A 127 -3.90 -18.65 -2.51
N ALA A 128 -5.20 -18.82 -2.76
CA ALA A 128 -6.22 -18.22 -1.89
C ALA A 128 -6.07 -18.72 -0.46
N LYS A 129 -5.89 -20.04 -0.30
CA LYS A 129 -5.71 -20.59 1.04
C LYS A 129 -4.43 -20.05 1.69
N GLU A 130 -3.34 -19.95 0.93
CA GLU A 130 -2.10 -19.44 1.51
C GLU A 130 -2.20 -17.95 1.83
N LEU A 131 -2.86 -17.18 0.98
CA LEU A 131 -3.07 -15.77 1.30
C LEU A 131 -3.89 -15.63 2.59
N SER A 132 -4.95 -16.44 2.73
CA SER A 132 -5.74 -16.38 3.96
C SER A 132 -4.87 -16.65 5.18
N GLU A 133 -3.97 -17.64 5.09
CA GLU A 133 -3.14 -17.97 6.25
C GLU A 133 -2.16 -16.83 6.54
N CYS A 134 -1.63 -16.22 5.49
CA CYS A 134 -0.76 -15.07 5.64
C CYS A 134 -1.48 -13.93 6.36
N LEU A 135 -2.72 -13.68 5.96
CA LEU A 135 -3.49 -12.59 6.57
C LEU A 135 -3.88 -12.92 8.01
N LYS A 136 -4.15 -14.21 8.31
CA LYS A 136 -4.54 -14.53 9.67
C LYS A 136 -3.40 -14.24 10.65
N ILE A 137 -2.15 -14.50 10.24
CA ILE A 137 -1.00 -14.16 11.08
C ILE A 137 -0.93 -12.65 11.28
N LEU A 138 -1.06 -11.90 10.19
CA LEU A 138 -1.08 -10.44 10.27
C LEU A 138 -2.15 -9.95 11.25
N GLU A 139 -3.36 -10.49 11.12
CA GLU A 139 -4.45 -10.10 12.01
C GLU A 139 -4.15 -10.45 13.47
N GLU A 140 -3.78 -11.71 13.72
CA GLU A 140 -3.68 -12.21 15.08
C GLU A 140 -2.48 -11.63 15.83
N GLN A 141 -1.34 -11.53 15.15
CA GLN A 141 -0.09 -11.15 15.78
C GLN A 141 0.34 -9.72 15.47
N GLY A 142 -0.21 -9.15 14.42
CA GLY A 142 0.11 -7.77 14.05
C GLY A 142 -0.95 -6.80 14.52
N LEU A 143 -2.16 -6.87 13.94
CA LEU A 143 -3.21 -5.93 14.28
C LEU A 143 -3.72 -6.14 15.70
N GLY A 144 -4.05 -7.38 16.05
CA GLY A 144 -4.65 -7.63 17.35
C GLY A 144 -6.00 -6.96 17.47
N ASP A 145 -6.30 -6.44 18.67
CA ASP A 145 -7.57 -5.77 18.91
C ASP A 145 -7.50 -4.26 18.71
N LYS A 146 -6.42 -3.76 18.11
CA LYS A 146 -6.28 -2.34 17.84
C LYS A 146 -7.15 -1.88 16.67
N LYS A 147 -7.58 -0.61 16.73
CA LYS A 147 -8.38 -0.08 15.64
C LYS A 147 -7.55 0.06 14.37
N PHE A 148 -6.31 0.50 14.53
CA PHE A 148 -5.34 0.64 13.46
C PHE A 148 -4.06 -0.07 13.86
N PHE A 149 -3.24 -0.43 12.87
CA PHE A 149 -1.90 -0.89 13.24
C PHE A 149 -1.20 0.15 14.09
N GLY A 150 -1.48 1.43 13.85
CA GLY A 150 -0.92 2.50 14.63
C GLY A 150 -1.63 2.77 15.93
N GLY A 151 -2.57 1.92 16.30
CA GLY A 151 -3.32 2.11 17.55
C GLY A 151 -4.62 2.87 17.30
N GLU A 152 -4.70 4.10 17.79
CA GLU A 152 -5.88 4.92 17.61
C GLU A 152 -5.83 5.78 16.35
N SER A 153 -4.70 5.78 15.63
CA SER A 153 -4.64 6.47 14.34
C SER A 153 -3.68 5.71 13.44
N MET A 154 -3.75 6.02 12.15
CA MET A 154 -2.93 5.30 11.17
C MET A 154 -1.46 5.59 11.37
N ASN A 155 -0.64 4.55 11.15
CA ASN A 155 0.81 4.74 11.08
C ASN A 155 1.33 4.19 9.77
N LEU A 156 2.66 4.10 9.60
CA LEU A 156 3.20 3.66 8.32
C LEU A 156 2.79 2.22 8.01
N VAL A 157 2.52 1.42 9.04
CA VAL A 157 2.05 0.05 8.81
C VAL A 157 0.67 0.07 8.17
N ASP A 158 -0.26 0.86 8.71
CA ASP A 158 -1.57 1.00 8.07
C ASP A 158 -1.43 1.43 6.61
N ILE A 159 -0.55 2.40 6.34
CA ILE A 159 -0.37 2.84 4.97
C ILE A 159 0.12 1.69 4.11
N SER A 160 1.06 0.90 4.64
CA SER A 160 1.64 -0.17 3.85
C SER A 160 0.62 -1.25 3.49
N TYR A 161 -0.36 -1.48 4.37
CA TYR A 161 -1.32 -2.55 4.17
C TYR A 161 -2.67 -2.07 3.64
N GLY A 162 -2.80 -0.76 3.40
CA GLY A 162 -4.10 -0.24 3.00
C GLY A 162 -4.65 -0.90 1.75
N ALA A 163 -3.77 -1.36 0.86
CA ALA A 163 -4.19 -2.03 -0.38
C ALA A 163 -4.99 -3.30 -0.13
N LEU A 164 -4.96 -3.85 1.09
CA LEU A 164 -5.82 -5.00 1.43
C LEU A 164 -7.30 -4.66 1.37
N GLY A 165 -7.65 -3.38 1.35
CA GLY A 165 -9.02 -2.98 1.09
C GLY A 165 -9.27 -2.86 -0.39
N TYR A 166 -9.18 -1.63 -0.92
CA TYR A 166 -9.68 -1.35 -2.25
C TYR A 166 -9.02 -2.22 -3.32
N TRP A 167 -7.71 -2.45 -3.23
CA TRP A 167 -7.01 -3.15 -4.29
C TRP A 167 -7.31 -4.64 -4.27
N LEU A 168 -7.15 -5.28 -3.11
CA LEU A 168 -7.46 -6.70 -3.01
C LEU A 168 -8.93 -6.96 -3.36
N ALA A 169 -9.83 -6.07 -2.93
CA ALA A 169 -11.25 -6.24 -3.27
C ALA A 169 -11.45 -6.27 -4.78
N ALA A 170 -10.74 -5.42 -5.51
CA ALA A 170 -10.84 -5.43 -6.96
C ALA A 170 -10.30 -6.73 -7.54
N VAL A 171 -9.20 -7.23 -6.99
CA VAL A 171 -8.62 -8.48 -7.46
C VAL A 171 -9.55 -9.64 -7.15
N GLU A 172 -10.13 -9.65 -5.94
CA GLU A 172 -11.06 -10.70 -5.56
C GLU A 172 -12.24 -10.74 -6.53
N GLU A 173 -12.80 -9.57 -6.85
CA GLU A 173 -13.89 -9.52 -7.83
C GLU A 173 -13.46 -10.12 -9.17
N ALA A 174 -12.31 -9.67 -9.69
CA ALA A 174 -11.83 -10.20 -10.95
C ALA A 174 -11.63 -11.71 -10.89
N LYS A 175 -11.07 -12.22 -9.79
CA LYS A 175 -10.82 -13.66 -9.65
C LYS A 175 -12.07 -14.46 -9.34
N GLY A 176 -13.13 -13.82 -8.82
CA GLY A 176 -14.28 -14.58 -8.37
C GLY A 176 -14.08 -15.32 -7.08
N VAL A 177 -13.04 -14.97 -6.31
CA VAL A 177 -12.77 -15.60 -5.02
C VAL A 177 -12.47 -14.50 -4.02
N THR A 178 -13.15 -14.53 -2.88
CA THR A 178 -12.91 -13.58 -1.79
C THR A 178 -12.09 -14.26 -0.70
N VAL A 179 -10.96 -13.65 -0.33
CA VAL A 179 -10.12 -14.16 0.75
C VAL A 179 -10.32 -13.37 2.03
N LEU A 180 -10.35 -12.04 1.94
CA LEU A 180 -10.44 -11.20 3.12
C LEU A 180 -11.92 -10.97 3.38
N LYS A 181 -12.46 -11.77 4.28
CA LYS A 181 -13.89 -11.68 4.50
C LYS A 181 -14.15 -11.73 5.99
N PRO A 182 -15.28 -11.20 6.43
CA PRO A 182 -15.51 -11.02 7.87
C PRO A 182 -15.63 -12.32 8.64
N SER A 183 -16.14 -13.40 8.01
CA SER A 183 -16.35 -14.62 8.78
C SER A 183 -15.05 -15.28 9.20
N THR A 184 -14.00 -15.17 8.37
CA THR A 184 -12.73 -15.83 8.67
C THR A 184 -11.68 -14.86 9.19
N LEU A 185 -11.84 -13.56 8.93
CA LEU A 185 -10.89 -12.55 9.38
C LEU A 185 -11.66 -11.34 9.89
N PRO A 186 -12.43 -11.52 10.97
CA PRO A 186 -13.33 -10.43 11.37
C PRO A 186 -12.60 -9.14 11.73
N ARG A 187 -11.44 -9.22 12.42
CA ARG A 187 -10.75 -8.00 12.81
C ARG A 187 -10.03 -7.35 11.64
N LEU A 188 -9.34 -8.15 10.81
CA LEU A 188 -8.67 -7.53 9.67
C LEU A 188 -9.68 -7.00 8.65
N HIS A 189 -10.81 -7.69 8.46
CA HIS A 189 -11.78 -7.16 7.51
C HIS A 189 -12.35 -5.84 8.01
N ALA A 190 -12.65 -5.76 9.30
CA ALA A 190 -13.20 -4.52 9.86
C ALA A 190 -12.18 -3.40 9.73
N TRP A 191 -10.91 -3.71 10.00
CA TRP A 191 -9.85 -2.71 9.83
C TRP A 191 -9.80 -2.20 8.39
N ALA A 192 -9.82 -3.12 7.41
CA ALA A 192 -9.69 -2.72 6.02
C ALA A 192 -10.87 -1.88 5.58
N LYS A 193 -12.08 -2.25 6.02
CA LYS A 193 -13.28 -1.51 5.71
C LYS A 193 -13.23 -0.10 6.31
N ASN A 194 -12.82 -0.01 7.57
CA ASN A 194 -12.70 1.28 8.23
C ASN A 194 -11.68 2.16 7.51
N LEU A 195 -10.54 1.59 7.13
CA LEU A 195 -9.54 2.39 6.44
C LEU A 195 -10.06 2.86 5.09
N ASP A 196 -10.78 1.99 4.38
CA ASP A 196 -11.34 2.35 3.08
C ASP A 196 -12.29 3.54 3.17
N GLU A 197 -12.93 3.71 4.33
CA GLU A 197 -13.93 4.76 4.52
C GLU A 197 -13.32 6.04 5.06
N LEU A 198 -12.04 6.01 5.41
CA LEU A 198 -11.37 7.21 5.88
C LEU A 198 -11.19 8.17 4.73
N PRO A 199 -11.55 9.45 4.89
CA PRO A 199 -11.43 10.36 3.74
C PRO A 199 -10.04 10.42 3.13
N VAL A 200 -8.98 10.39 3.95
CA VAL A 200 -7.65 10.48 3.36
C VAL A 200 -7.39 9.31 2.42
N VAL A 201 -7.97 8.15 2.70
CA VAL A 201 -7.82 7.02 1.79
C VAL A 201 -8.83 7.10 0.64
N LYS A 202 -10.11 7.27 0.99
CA LYS A 202 -11.19 7.21 0.01
C LYS A 202 -11.05 8.29 -1.07
N GLU A 203 -10.60 9.48 -0.68
CA GLU A 203 -10.37 10.57 -1.62
C GLU A 203 -9.14 10.35 -2.50
N ASN A 204 -8.31 9.35 -2.20
CA ASN A 204 -7.01 9.20 -2.85
C ASN A 204 -6.77 7.76 -3.28
N ILE A 205 -7.82 7.11 -3.78
CA ILE A 205 -7.73 5.85 -4.51
C ILE A 205 -8.64 5.95 -5.74
N PRO A 206 -8.36 5.15 -6.76
CA PRO A 206 -9.20 5.21 -7.97
C PRO A 206 -10.61 4.71 -7.69
N ALA A 207 -11.54 5.14 -8.55
CA ALA A 207 -12.90 4.65 -8.44
C ALA A 207 -12.91 3.12 -8.57
N SER A 208 -13.81 2.49 -7.84
CA SER A 208 -13.85 1.03 -7.82
C SER A 208 -14.00 0.45 -9.23
N ASP A 209 -14.81 1.06 -10.06
CA ASP A 209 -14.97 0.53 -11.39
C ASP A 209 -13.71 0.61 -12.23
N LYS A 210 -12.96 1.68 -12.07
CA LYS A 210 -11.72 1.82 -12.81
C LYS A 210 -10.67 0.83 -12.29
N MET A 211 -10.64 0.66 -10.98
CA MET A 211 -9.70 -0.26 -10.38
C MET A 211 -9.96 -1.67 -10.86
N LEU A 212 -11.21 -2.08 -10.91
CA LEU A 212 -11.57 -3.41 -11.39
C LEU A 212 -11.23 -3.57 -12.85
N ALA A 213 -11.59 -2.58 -13.63
CA ALA A 213 -11.33 -2.63 -15.04
C ALA A 213 -9.85 -2.82 -15.28
N TYR A 214 -9.04 -2.15 -14.49
CA TYR A 214 -7.63 -2.27 -14.64
C TYR A 214 -7.10 -3.65 -14.31
N VAL A 215 -7.38 -4.18 -13.15
CA VAL A 215 -6.86 -5.49 -12.78
C VAL A 215 -7.31 -6.54 -13.74
N THR A 216 -8.55 -6.42 -14.18
CA THR A 216 -9.14 -7.34 -15.12
C THR A 216 -8.30 -7.37 -16.38
N ALA A 217 -8.10 -6.22 -16.98
CA ALA A 217 -7.29 -6.11 -18.17
C ALA A 217 -5.98 -6.80 -17.93
N ALA A 218 -5.20 -6.30 -16.98
CA ALA A 218 -3.91 -6.88 -16.62
C ALA A 218 -3.91 -8.38 -16.63
N MET A 219 -5.08 -8.95 -16.43
CA MET A 219 -5.22 -10.37 -16.46
C MET A 219 -5.53 -10.79 -17.88
N1 GSH B . 9.65 -2.06 -4.55
CA1 GSH B . 9.05 -0.97 -5.30
C1 GSH B . 8.41 0.01 -4.39
O11 GSH B . 7.94 -0.39 -3.36
O12 GSH B . 8.41 1.17 -4.69
CB1 GSH B . 8.04 -1.52 -6.28
CG1 GSH B . 7.41 -0.47 -7.18
CD1 GSH B . 6.91 -1.09 -8.47
OE1 GSH B . 6.89 -2.28 -8.60
N2 GSH B . 6.49 -0.27 -9.43
CA2 GSH B . 6.01 -0.75 -10.70
C2 GSH B . 6.85 -0.25 -11.81
O2 GSH B . 7.17 0.89 -11.80
CB2 GSH B . 4.58 -0.32 -10.99
SG2 GSH B . 3.40 -0.83 -9.75
N3 GSH B . 7.22 -1.07 -12.77
CA3 GSH B . 8.05 -0.64 -13.85
C3 GSH B . 7.77 -1.41 -15.10
O31 GSH B . 8.66 -1.71 -15.88
O32 GSH B . 6.62 -1.72 -15.34
HN11 GSH B . 10.42 -1.89 -3.93
HN12 GSH B . 9.30 -2.99 -4.66
HA1 GSH B . 9.83 -0.45 -5.87
HB12 GSH B . 8.55 -2.25 -6.91
HB13 GSH B . 7.27 -2.04 -5.74
HG12 GSH B . 8.15 0.28 -7.41
HG13 GSH B . 6.59 0.01 -6.65
HN2 GSH B . 6.51 0.72 -9.27
HA2 GSH B . 6.05 -1.85 -10.70
HB22 GSH B . 4.27 -0.74 -11.94
HB23 GSH B . 4.56 0.76 -11.08
HSG GSH B . 2.77 -1.74 -10.48
HN3 GSH B . 6.94 -2.04 -12.76
HA31 GSH B . 9.09 -0.77 -13.58
HA32 GSH B . 7.87 0.42 -14.02
#